data_2PHT
#
_entry.id   2PHT
#
_cell.length_a   56.653
_cell.length_b   83.475
_cell.length_c   122.348
_cell.angle_alpha   90.000
_cell.angle_beta   90.000
_cell.angle_gamma   90.000
#
_symmetry.space_group_name_H-M   'P 21 21 21'
#
loop_
_entity.id
_entity.type
_entity.pdbx_description
1 polymer Lectin
2 branched alpha-D-mannopyranose-(1-2)-alpha-D-mannopyranose-(1-6)-alpha-D-mannopyranose
3 branched alpha-D-mannopyranose-(1-2)-alpha-D-mannopyranose-(1-6)-[alpha-D-mannopyranose-(1-3)]alpha-D-mannopyranose-(1-6)-beta-D-mannopyranose
4 non-polymer 'MANGANESE (II) ION'
5 non-polymer 'CALCIUM ION'
6 water water
#
_entity_poly.entity_id   1
_entity_poly.type   'polypeptide(L)'
_entity_poly.pdbx_seq_one_letter_code
;(PCA)DSLSFGFPTFPSDQKNLIFQGDAQIKNNAVQLTKTDSNGNPVASTVGRILFSAQVHLWEKSSSRVANFQSQFSFS
LKSPLSNGADGIAFFIAPPDTTIPSGSGGGLLGLFAPGTAQNTSANQVIAVEFDTFYAQDSNTWDPNYPHIGIDVNSIRS
VKTVKWDRRDGQSLNVLVTFNPSTRNLDVVATYSDGTRYEVSYEVDVRSVLPEWVRVGFSAASGEQYQTHTLESWSFTST
LLYTAQKKGENLALEM
;
_entity_poly.pdbx_strand_id   A,B
#
# COMPACT_ATOMS: atom_id res chain seq x y z
N ASP A 2 -1.42 -4.21 10.01
CA ASP A 2 -0.42 -5.03 10.68
C ASP A 2 0.48 -5.68 9.64
N SER A 3 -0.08 -5.95 8.45
CA SER A 3 0.70 -6.57 7.39
C SER A 3 0.48 -5.83 6.06
N LEU A 4 1.55 -5.75 5.29
CA LEU A 4 1.54 -5.07 4.00
C LEU A 4 2.51 -5.74 3.05
N SER A 5 2.11 -5.87 1.79
CA SER A 5 3.00 -6.45 0.78
C SER A 5 2.65 -5.89 -0.58
N PHE A 6 3.66 -5.79 -1.44
CA PHE A 6 3.45 -5.29 -2.80
C PHE A 6 4.56 -5.84 -3.68
N GLY A 7 4.26 -5.99 -4.96
CA GLY A 7 5.26 -6.52 -5.88
C GLY A 7 5.26 -5.87 -7.25
N PHE A 8 6.44 -5.41 -7.67
CA PHE A 8 6.61 -4.81 -8.99
C PHE A 8 7.51 -5.75 -9.80
N PRO A 9 6.92 -6.63 -10.62
CA PRO A 9 7.77 -7.53 -11.42
C PRO A 9 8.59 -6.66 -12.38
N THR A 10 7.96 -5.57 -12.83
CA THR A 10 8.58 -4.60 -13.72
C THR A 10 8.01 -3.25 -13.33
N PHE A 11 8.47 -2.19 -13.98
CA PHE A 11 8.00 -0.85 -13.67
C PHE A 11 7.41 -0.10 -14.88
N PRO A 12 6.13 -0.36 -15.20
CA PRO A 12 5.49 0.32 -16.33
C PRO A 12 5.53 1.83 -16.07
N SER A 13 5.42 2.63 -17.12
CA SER A 13 5.49 4.07 -16.96
C SER A 13 4.39 4.75 -16.14
N ASP A 14 3.18 4.20 -16.10
CA ASP A 14 2.12 4.85 -15.32
C ASP A 14 2.10 4.38 -13.87
N GLN A 15 2.90 5.01 -13.02
CA GLN A 15 2.96 4.66 -11.61
C GLN A 15 2.10 5.60 -10.79
N LYS A 16 1.46 5.05 -9.76
CA LYS A 16 0.60 5.84 -8.89
C LYS A 16 1.07 5.84 -7.44
N ASN A 17 1.71 4.76 -7.01
CA ASN A 17 2.14 4.67 -5.62
C ASN A 17 3.62 4.85 -5.34
N LEU A 18 4.33 5.54 -6.23
CA LEU A 18 5.75 5.78 -6.03
C LEU A 18 6.06 7.26 -5.87
N ILE A 19 6.89 7.58 -4.89
CA ILE A 19 7.31 8.94 -4.66
C ILE A 19 8.68 9.08 -5.31
N PHE A 20 8.76 9.89 -6.36
CA PHE A 20 10.01 10.10 -7.08
C PHE A 20 10.70 11.33 -6.52
N GLN A 21 12.00 11.21 -6.24
CA GLN A 21 12.76 12.34 -5.73
C GLN A 21 14.04 12.45 -6.55
N GLY A 22 14.52 13.67 -6.74
CA GLY A 22 15.75 13.85 -7.51
C GLY A 22 15.55 13.59 -8.98
N ASP A 23 16.48 12.88 -9.61
CA ASP A 23 16.38 12.60 -11.04
C ASP A 23 15.75 11.26 -11.40
N ALA A 24 15.24 10.54 -10.41
CA ALA A 24 14.65 9.23 -10.66
C ALA A 24 13.43 9.25 -11.58
N GLN A 25 13.41 8.33 -12.55
CA GLN A 25 12.29 8.27 -13.48
C GLN A 25 12.19 6.88 -14.09
N ILE A 26 11.03 6.59 -14.67
CA ILE A 26 10.80 5.30 -15.31
C ILE A 26 11.21 5.36 -16.77
N LYS A 27 11.87 4.31 -17.23
CA LYS A 27 12.32 4.18 -18.62
C LYS A 27 12.52 2.71 -18.95
N ASN A 28 11.94 2.29 -20.06
CA ASN A 28 12.07 0.90 -20.49
C ASN A 28 11.61 -0.08 -19.41
N ASN A 29 10.46 0.22 -18.80
CA ASN A 29 9.88 -0.63 -17.76
C ASN A 29 10.79 -0.89 -16.56
N ALA A 30 11.71 0.03 -16.31
CA ALA A 30 12.62 -0.08 -15.18
C ALA A 30 12.76 1.31 -14.58
N VAL A 31 13.24 1.37 -13.34
CA VAL A 31 13.42 2.65 -12.68
C VAL A 31 14.88 3.11 -12.79
N GLN A 32 15.10 4.23 -13.47
CA GLN A 32 16.46 4.77 -13.60
C GLN A 32 16.63 5.77 -12.46
N LEU A 33 17.31 5.35 -11.40
CA LEU A 33 17.50 6.23 -10.26
C LEU A 33 18.34 7.45 -10.58
N THR A 34 19.36 7.27 -11.44
CA THR A 34 20.23 8.36 -11.82
C THR A 34 19.97 8.79 -13.25
N LYS A 35 20.23 10.06 -13.52
CA LYS A 35 20.01 10.66 -14.84
C LYS A 35 20.82 10.06 -15.99
N THR A 36 20.18 10.00 -17.15
CA THR A 36 20.81 9.49 -18.37
C THR A 36 20.46 10.45 -19.50
N ASP A 37 21.30 10.55 -20.52
CA ASP A 37 21.04 11.44 -21.65
C ASP A 37 20.05 10.85 -22.64
N SER A 38 19.86 11.55 -23.75
CA SER A 38 18.93 11.14 -24.81
C SER A 38 19.17 9.72 -25.33
N ASN A 39 20.42 9.28 -25.35
CA ASN A 39 20.74 7.95 -25.84
C ASN A 39 20.97 6.92 -24.72
N GLY A 40 20.35 7.17 -23.57
CA GLY A 40 20.46 6.23 -22.45
C GLY A 40 21.80 6.09 -21.76
N ASN A 41 22.67 7.09 -21.86
CA ASN A 41 23.97 7.02 -21.23
C ASN A 41 23.99 7.77 -19.91
N PRO A 42 24.68 7.22 -18.90
CA PRO A 42 24.78 7.85 -17.57
C PRO A 42 25.55 9.15 -17.61
N VAL A 43 25.13 10.11 -16.78
CA VAL A 43 25.78 11.40 -16.70
C VAL A 43 26.29 11.60 -15.28
N ALA A 44 27.19 12.57 -15.09
CA ALA A 44 27.75 12.84 -13.78
C ALA A 44 26.88 13.78 -12.95
N SER A 45 27.17 13.87 -11.67
CA SER A 45 26.46 14.75 -10.74
C SER A 45 24.95 14.57 -10.77
N THR A 46 24.49 13.38 -10.42
CA THR A 46 23.06 13.10 -10.41
C THR A 46 22.68 12.26 -9.20
N VAL A 47 21.50 12.53 -8.64
CA VAL A 47 21.00 11.81 -7.49
C VAL A 47 19.51 11.55 -7.68
N GLY A 48 19.03 10.41 -7.20
CA GLY A 48 17.63 10.08 -7.34
C GLY A 48 17.20 9.02 -6.33
N ARG A 49 15.93 9.04 -5.95
CA ARG A 49 15.41 8.08 -5.01
C ARG A 49 13.93 7.84 -5.29
N ILE A 50 13.41 6.73 -4.77
CA ILE A 50 11.99 6.42 -4.90
C ILE A 50 11.60 5.79 -3.58
N LEU A 51 10.35 5.99 -3.18
CA LEU A 51 9.84 5.41 -1.95
C LEU A 51 8.41 4.97 -2.24
N PHE A 52 7.97 3.90 -1.58
CA PHE A 52 6.61 3.45 -1.78
C PHE A 52 5.73 4.42 -0.98
N SER A 53 4.60 4.82 -1.55
CA SER A 53 3.73 5.79 -0.89
C SER A 53 3.14 5.35 0.45
N ALA A 54 2.71 4.10 0.54
CA ALA A 54 2.12 3.60 1.78
C ALA A 54 3.18 3.45 2.88
N GLN A 55 2.86 3.95 4.08
CA GLN A 55 3.78 3.86 5.20
C GLN A 55 3.77 2.46 5.80
N VAL A 56 4.95 1.99 6.19
CA VAL A 56 5.11 0.67 6.76
C VAL A 56 5.15 0.74 8.29
N HIS A 57 4.34 -0.10 8.94
CA HIS A 57 4.31 -0.11 10.39
C HIS A 57 5.41 -1.08 10.84
N LEU A 58 6.58 -0.54 11.12
CA LEU A 58 7.74 -1.32 11.51
C LEU A 58 7.66 -1.88 12.92
N TRP A 59 7.12 -1.11 13.85
CA TRP A 59 6.96 -1.56 15.23
C TRP A 59 5.87 -0.80 15.96
N GLU A 60 5.34 -1.43 17.01
CA GLU A 60 4.25 -0.84 17.77
C GLU A 60 4.56 -0.88 19.25
N LYS A 61 4.72 0.31 19.85
CA LYS A 61 5.05 0.43 21.26
C LYS A 61 3.99 -0.18 22.18
N SER A 62 2.72 0.08 21.89
CA SER A 62 1.63 -0.44 22.72
C SER A 62 1.59 -1.96 22.82
N SER A 63 1.69 -2.66 21.69
CA SER A 63 1.64 -4.12 21.68
C SER A 63 3.00 -4.79 21.83
N SER A 64 4.07 -4.01 21.82
CA SER A 64 5.41 -4.55 21.94
C SER A 64 5.75 -5.45 20.75
N ARG A 65 5.17 -5.15 19.59
CA ARG A 65 5.43 -5.94 18.40
C ARG A 65 6.42 -5.27 17.46
N VAL A 66 7.16 -6.09 16.73
CA VAL A 66 8.12 -5.59 15.76
C VAL A 66 7.87 -6.38 14.50
N ALA A 67 7.97 -5.72 13.36
CA ALA A 67 7.72 -6.37 12.08
C ALA A 67 8.87 -7.20 11.53
N ASN A 68 8.48 -8.28 10.86
CA ASN A 68 9.40 -9.15 10.18
C ASN A 68 9.22 -8.68 8.74
N PHE A 69 10.31 -8.33 8.06
CA PHE A 69 10.14 -7.89 6.67
C PHE A 69 11.13 -8.54 5.72
N GLN A 70 10.77 -8.52 4.44
CA GLN A 70 11.59 -9.10 3.40
C GLN A 70 11.46 -8.24 2.17
N SER A 71 12.60 -7.86 1.60
CA SER A 71 12.61 -7.04 0.41
C SER A 71 13.45 -7.76 -0.63
N GLN A 72 12.84 -8.05 -1.78
CA GLN A 72 13.54 -8.73 -2.84
C GLN A 72 13.58 -7.79 -4.03
N PHE A 73 14.75 -7.64 -4.63
CA PHE A 73 14.88 -6.76 -5.77
C PHE A 73 16.10 -7.11 -6.61
N SER A 74 16.13 -6.59 -7.83
CA SER A 74 17.25 -6.84 -8.72
C SER A 74 17.58 -5.54 -9.41
N PHE A 75 18.87 -5.32 -9.64
CA PHE A 75 19.30 -4.11 -10.32
C PHE A 75 20.53 -4.42 -11.16
N SER A 76 20.86 -3.51 -12.05
CA SER A 76 22.05 -3.67 -12.89
C SER A 76 22.71 -2.29 -13.03
N LEU A 77 24.02 -2.30 -13.15
CA LEU A 77 24.79 -1.08 -13.27
C LEU A 77 25.51 -1.13 -14.61
N LYS A 78 25.50 -0.03 -15.34
CA LYS A 78 26.18 0.03 -16.63
C LYS A 78 26.97 1.32 -16.76
N SER A 79 28.20 1.22 -17.23
CA SER A 79 29.02 2.40 -17.41
C SER A 79 30.06 2.23 -18.50
N PRO A 80 30.22 3.26 -19.35
CA PRO A 80 31.19 3.25 -20.45
C PRO A 80 32.61 3.20 -19.90
N LEU A 81 32.80 3.76 -18.71
CA LEU A 81 34.10 3.80 -18.06
C LEU A 81 34.42 2.43 -17.46
N SER A 82 35.19 2.40 -16.38
CA SER A 82 35.54 1.14 -15.74
C SER A 82 35.40 1.24 -14.24
N ASN A 83 35.42 2.48 -13.76
CA ASN A 83 35.25 2.74 -12.34
C ASN A 83 33.99 3.56 -12.18
N GLY A 84 32.86 2.92 -12.43
CA GLY A 84 31.58 3.56 -12.32
C GLY A 84 31.25 3.86 -10.87
N ALA A 85 30.51 4.95 -10.65
CA ALA A 85 30.14 5.37 -9.31
C ALA A 85 28.70 5.89 -9.30
N ASP A 86 28.09 6.03 -8.12
CA ASP A 86 28.71 5.71 -6.83
C ASP A 86 28.11 4.50 -6.16
N GLY A 87 26.89 4.16 -6.56
CA GLY A 87 26.24 3.01 -5.96
C GLY A 87 24.76 3.20 -5.76
N ILE A 88 24.10 2.10 -5.43
CA ILE A 88 22.66 2.11 -5.19
C ILE A 88 22.44 1.57 -3.79
N ALA A 89 21.34 1.96 -3.17
CA ALA A 89 21.06 1.50 -1.82
C ALA A 89 19.58 1.34 -1.54
N PHE A 90 19.25 0.26 -0.83
CA PHE A 90 17.88 0.03 -0.40
C PHE A 90 17.87 0.68 0.99
N PHE A 91 16.84 1.48 1.29
CA PHE A 91 16.81 2.09 2.61
C PHE A 91 15.45 2.19 3.27
N ILE A 92 15.48 2.39 4.58
CA ILE A 92 14.29 2.52 5.41
C ILE A 92 14.49 3.83 6.18
N ALA A 93 13.50 4.71 6.13
CA ALA A 93 13.63 5.99 6.81
C ALA A 93 12.27 6.54 7.24
N PRO A 94 12.27 7.62 8.03
CA PRO A 94 11.01 8.22 8.47
C PRO A 94 10.21 8.58 7.22
N PRO A 95 8.88 8.62 7.33
CA PRO A 95 8.00 8.94 6.20
C PRO A 95 8.24 10.24 5.42
N ASP A 96 8.69 11.28 6.11
CA ASP A 96 8.92 12.56 5.44
C ASP A 96 10.32 12.77 4.88
N THR A 97 11.14 11.72 4.86
CA THR A 97 12.51 11.82 4.37
C THR A 97 12.61 12.40 2.96
N THR A 98 13.63 13.24 2.75
CA THR A 98 13.89 13.85 1.44
C THR A 98 15.39 13.83 1.19
N ILE A 99 15.80 14.12 -0.04
CA ILE A 99 17.22 14.12 -0.38
C ILE A 99 17.93 15.25 0.36
N PRO A 100 18.88 14.91 1.25
CA PRO A 100 19.62 15.92 2.02
C PRO A 100 20.48 16.78 1.09
N SER A 101 20.67 18.04 1.47
CA SER A 101 21.48 18.95 0.68
C SER A 101 22.93 18.46 0.65
N GLY A 102 23.51 18.40 -0.55
CA GLY A 102 24.87 17.95 -0.71
C GLY A 102 25.12 16.48 -0.44
N SER A 103 24.08 15.65 -0.59
CA SER A 103 24.22 14.22 -0.34
C SER A 103 24.61 13.44 -1.59
N GLY A 104 25.15 14.15 -2.58
CA GLY A 104 25.52 13.51 -3.82
C GLY A 104 26.76 12.62 -3.75
N GLY A 105 27.16 12.08 -4.90
CA GLY A 105 28.33 11.23 -4.95
C GLY A 105 28.39 10.12 -3.91
N GLY A 106 29.53 10.06 -3.22
CA GLY A 106 29.76 9.06 -2.20
C GLY A 106 28.77 9.00 -1.06
N LEU A 107 27.96 10.04 -0.87
CA LEU A 107 26.98 10.02 0.21
C LEU A 107 25.70 9.33 -0.22
N LEU A 108 25.67 8.88 -1.47
CA LEU A 108 24.55 8.12 -2.02
C LEU A 108 23.15 8.73 -1.93
N GLY A 109 23.07 10.02 -1.64
CA GLY A 109 21.77 10.67 -1.55
C GLY A 109 21.04 10.35 -0.25
N LEU A 110 21.78 9.79 0.71
CA LEU A 110 21.20 9.42 1.99
C LEU A 110 21.63 10.28 3.18
N PHE A 111 22.83 10.84 3.13
CA PHE A 111 23.29 11.64 4.26
C PHE A 111 23.78 13.03 3.88
N ALA A 112 23.73 13.93 4.86
CA ALA A 112 24.20 15.29 4.68
C ALA A 112 25.68 15.24 5.03
N PRO A 113 26.51 15.98 4.28
CA PRO A 113 27.95 15.98 4.53
C PRO A 113 28.34 16.21 5.98
N GLY A 114 27.84 17.30 6.56
CA GLY A 114 28.16 17.64 7.93
C GLY A 114 27.84 16.62 9.01
N THR A 115 26.94 15.69 8.72
CA THR A 115 26.58 14.70 9.72
C THR A 115 26.58 13.26 9.22
N ALA A 116 27.18 13.04 8.06
CA ALA A 116 27.24 11.72 7.44
C ALA A 116 27.76 10.61 8.36
N GLN A 117 28.62 10.95 9.32
CA GLN A 117 29.15 9.92 10.22
C GLN A 117 28.73 10.13 11.67
N ASN A 118 27.75 11.00 11.89
CA ASN A 118 27.26 11.24 13.25
C ASN A 118 26.03 10.36 13.44
N THR A 119 26.20 9.23 14.11
CA THR A 119 25.09 8.30 14.32
C THR A 119 23.87 8.91 15.00
N SER A 120 24.07 9.72 16.03
CA SER A 120 22.95 10.32 16.74
C SER A 120 22.27 11.45 15.97
N ALA A 121 22.74 11.75 14.77
CA ALA A 121 22.15 12.81 13.97
C ALA A 121 21.32 12.26 12.81
N ASN A 122 21.30 10.94 12.65
CA ASN A 122 20.56 10.33 11.56
C ASN A 122 19.54 9.29 12.02
N GLN A 123 18.61 8.98 11.12
CA GLN A 123 17.56 7.98 11.33
C GLN A 123 17.37 7.26 10.01
N VAL A 124 18.20 6.26 9.77
CA VAL A 124 18.12 5.53 8.52
C VAL A 124 18.90 4.23 8.59
N ILE A 125 18.34 3.22 7.94
CA ILE A 125 18.98 1.93 7.83
C ILE A 125 19.05 1.69 6.33
N ALA A 126 20.22 1.32 5.83
CA ALA A 126 20.35 1.09 4.41
C ALA A 126 21.32 -0.03 4.07
N VAL A 127 21.07 -0.67 2.94
CA VAL A 127 21.93 -1.73 2.44
C VAL A 127 22.46 -1.12 1.16
N GLU A 128 23.76 -0.83 1.17
CA GLU A 128 24.40 -0.20 0.03
C GLU A 128 25.23 -1.17 -0.79
N PHE A 129 25.29 -0.89 -2.09
CA PHE A 129 26.08 -1.64 -3.05
C PHE A 129 26.95 -0.51 -3.60
N ASP A 130 28.13 -0.38 -2.98
CA ASP A 130 29.10 0.68 -3.23
C ASP A 130 30.21 0.31 -4.20
N THR A 131 30.26 0.99 -5.34
CA THR A 131 31.27 0.69 -6.36
C THR A 131 32.45 1.66 -6.41
N PHE A 132 32.41 2.71 -5.62
CA PHE A 132 33.50 3.69 -5.63
C PHE A 132 34.06 3.85 -4.23
N TYR A 133 35.37 3.71 -4.08
CA TYR A 133 35.99 3.78 -2.76
C TYR A 133 37.28 4.58 -2.66
N ALA A 134 37.51 5.52 -3.58
CA ALA A 134 38.72 6.34 -3.54
C ALA A 134 38.85 6.94 -2.15
N GLN A 135 39.96 6.66 -1.48
CA GLN A 135 40.21 7.12 -0.12
C GLN A 135 40.30 8.62 0.12
N ASP A 136 40.48 9.41 -0.93
CA ASP A 136 40.57 10.85 -0.75
C ASP A 136 39.19 11.46 -0.55
N SER A 137 38.20 10.91 -1.25
CA SER A 137 36.82 11.41 -1.15
C SER A 137 35.91 10.52 -0.31
N ASN A 138 36.08 9.20 -0.43
CA ASN A 138 35.26 8.26 0.35
C ASN A 138 36.13 7.66 1.45
N THR A 139 36.62 8.53 2.33
CA THR A 139 37.49 8.13 3.43
C THR A 139 36.92 7.04 4.34
N TRP A 140 35.60 6.94 4.38
CA TRP A 140 34.93 5.97 5.24
C TRP A 140 34.85 4.55 4.68
N ASP A 141 35.13 4.37 3.39
CA ASP A 141 35.05 3.05 2.75
C ASP A 141 36.25 2.13 2.83
N PRO A 142 35.98 0.81 2.77
CA PRO A 142 37.04 -0.19 2.79
C PRO A 142 37.66 0.02 1.40
N ASN A 143 38.86 -0.48 1.17
CA ASN A 143 39.52 -0.23 -0.10
C ASN A 143 39.20 -1.22 -1.23
N TYR A 144 37.91 -1.42 -1.50
CA TYR A 144 37.43 -2.32 -2.55
C TYR A 144 35.92 -2.22 -2.67
N PRO A 145 35.36 -2.65 -3.83
CA PRO A 145 33.90 -2.57 -3.98
C PRO A 145 33.30 -3.39 -2.86
N HIS A 146 32.10 -3.03 -2.43
CA HIS A 146 31.51 -3.76 -1.32
C HIS A 146 30.02 -3.56 -1.13
N ILE A 147 29.43 -4.50 -0.40
CA ILE A 147 28.03 -4.42 -0.05
C ILE A 147 28.15 -4.08 1.43
N GLY A 148 27.35 -3.14 1.90
CA GLY A 148 27.43 -2.78 3.30
C GLY A 148 26.09 -2.51 3.95
N ILE A 149 26.08 -2.61 5.27
CA ILE A 149 24.89 -2.34 6.06
C ILE A 149 25.16 -1.02 6.79
N ASP A 150 24.36 -0.01 6.47
CA ASP A 150 24.52 1.31 7.06
C ASP A 150 23.44 1.59 8.11
N VAL A 151 23.89 1.91 9.32
CA VAL A 151 22.96 2.23 10.40
C VAL A 151 23.31 3.63 10.90
N ASN A 152 22.52 4.59 10.44
CA ASN A 152 22.68 6.01 10.79
C ASN A 152 24.02 6.62 10.42
N SER A 153 24.77 5.96 9.54
CA SER A 153 26.06 6.49 9.12
C SER A 153 26.46 5.95 7.75
N ILE A 154 27.25 6.72 7.01
CA ILE A 154 27.71 6.30 5.70
C ILE A 154 28.84 5.28 5.89
N ARG A 155 29.41 5.25 7.08
CA ARG A 155 30.47 4.30 7.39
C ARG A 155 29.76 3.03 7.85
N SER A 156 29.64 2.07 6.94
CA SER A 156 28.96 0.82 7.21
C SER A 156 29.43 0.16 8.49
N VAL A 157 28.50 -0.47 9.20
CA VAL A 157 28.87 -1.18 10.43
C VAL A 157 29.34 -2.57 10.04
N LYS A 158 29.02 -3.00 8.82
CA LYS A 158 29.42 -4.32 8.34
C LYS A 158 29.48 -4.33 6.82
N THR A 159 30.57 -4.84 6.26
CA THR A 159 30.71 -4.91 4.82
C THR A 159 31.25 -6.27 4.37
N VAL A 160 31.13 -6.53 3.08
CA VAL A 160 31.63 -7.75 2.48
C VAL A 160 32.15 -7.37 1.11
N LYS A 161 33.31 -7.89 0.72
CA LYS A 161 33.85 -7.56 -0.60
C LYS A 161 32.83 -8.00 -1.65
N TRP A 162 32.69 -7.19 -2.68
CA TRP A 162 31.72 -7.46 -3.75
C TRP A 162 32.35 -7.20 -5.12
N ASP A 163 31.81 -7.86 -6.14
CA ASP A 163 32.32 -7.70 -7.51
C ASP A 163 31.31 -7.00 -8.40
N ARG A 164 31.68 -5.82 -8.89
CA ARG A 164 30.80 -5.09 -9.79
C ARG A 164 30.92 -5.68 -11.19
N ARG A 165 29.80 -6.07 -11.77
CA ARG A 165 29.79 -6.63 -13.11
C ARG A 165 28.91 -5.76 -14.00
N ASP A 166 29.54 -5.04 -14.92
CA ASP A 166 28.84 -4.16 -15.83
C ASP A 166 27.72 -4.86 -16.59
N GLY A 167 26.52 -4.28 -16.54
CA GLY A 167 25.39 -4.83 -17.26
C GLY A 167 24.73 -6.11 -16.76
N GLN A 168 25.22 -6.71 -15.68
CA GLN A 168 24.60 -7.93 -15.17
C GLN A 168 23.73 -7.70 -13.95
N SER A 169 22.54 -8.26 -13.99
CA SER A 169 21.59 -8.11 -12.88
C SER A 169 22.00 -8.84 -11.61
N LEU A 170 21.87 -8.15 -10.49
CA LEU A 170 22.18 -8.73 -9.19
C LEU A 170 20.84 -8.95 -8.51
N ASN A 171 20.60 -10.18 -8.06
CA ASN A 171 19.35 -10.51 -7.37
C ASN A 171 19.65 -10.36 -5.88
N VAL A 172 18.83 -9.61 -5.18
CA VAL A 172 19.06 -9.38 -3.76
C VAL A 172 17.88 -9.68 -2.86
N LEU A 173 18.17 -10.31 -1.74
CA LEU A 173 17.16 -10.63 -0.75
C LEU A 173 17.61 -10.03 0.57
N VAL A 174 16.80 -9.15 1.13
CA VAL A 174 17.08 -8.51 2.40
C VAL A 174 15.96 -8.94 3.34
N THR A 175 16.33 -9.49 4.50
CA THR A 175 15.34 -9.93 5.47
C THR A 175 15.70 -9.48 6.86
N PHE A 176 14.67 -9.22 7.66
CA PHE A 176 14.87 -8.84 9.05
C PHE A 176 13.96 -9.72 9.90
N ASN A 177 14.57 -10.40 10.87
CA ASN A 177 13.85 -11.27 11.77
C ASN A 177 13.81 -10.61 13.15
N PRO A 178 12.62 -10.19 13.60
CA PRO A 178 12.43 -9.53 14.90
C PRO A 178 12.81 -10.41 16.08
N SER A 179 12.66 -11.72 15.91
CA SER A 179 12.98 -12.67 16.97
C SER A 179 14.48 -12.68 17.26
N THR A 180 15.31 -12.66 16.22
CA THR A 180 16.75 -12.66 16.41
C THR A 180 17.38 -11.27 16.20
N ARG A 181 16.58 -10.34 15.66
CA ARG A 181 17.04 -8.97 15.37
C ARG A 181 18.14 -8.95 14.30
N ASN A 182 18.22 -10.02 13.53
CA ASN A 182 19.24 -10.11 12.50
C ASN A 182 18.76 -9.59 11.13
N LEU A 183 19.50 -8.63 10.59
CA LEU A 183 19.19 -8.08 9.26
C LEU A 183 20.12 -8.84 8.31
N ASP A 184 19.57 -9.72 7.47
CA ASP A 184 20.38 -10.51 6.56
C ASP A 184 20.26 -10.09 5.11
N VAL A 185 21.42 -10.02 4.44
CA VAL A 185 21.47 -9.66 3.03
C VAL A 185 22.11 -10.77 2.21
N VAL A 186 21.42 -11.21 1.17
CA VAL A 186 21.93 -12.25 0.29
C VAL A 186 21.81 -11.74 -1.13
N ALA A 187 22.93 -11.67 -1.84
CA ALA A 187 22.94 -11.19 -3.21
C ALA A 187 23.62 -12.22 -4.11
N THR A 188 23.05 -12.45 -5.29
CA THR A 188 23.61 -13.42 -6.20
C THR A 188 23.48 -13.02 -7.67
N TYR A 189 24.48 -13.38 -8.47
CA TYR A 189 24.43 -13.13 -9.90
C TYR A 189 23.84 -14.40 -10.49
N SER A 190 23.38 -14.35 -11.74
CA SER A 190 22.76 -15.51 -12.38
C SER A 190 23.63 -16.77 -12.38
N ASP A 191 24.95 -16.61 -12.40
CA ASP A 191 25.82 -17.78 -12.41
C ASP A 191 25.95 -18.42 -11.03
N GLY A 192 25.24 -17.90 -10.04
CA GLY A 192 25.31 -18.48 -8.72
C GLY A 192 26.32 -17.83 -7.78
N THR A 193 27.12 -16.89 -8.27
CA THR A 193 28.08 -16.23 -7.39
C THR A 193 27.23 -15.56 -6.30
N ARG A 194 27.53 -15.88 -5.05
CA ARG A 194 26.76 -15.41 -3.91
C ARG A 194 27.55 -14.54 -2.92
N TYR A 195 26.90 -13.53 -2.36
CA TYR A 195 27.53 -12.66 -1.37
C TYR A 195 26.56 -12.55 -0.21
N GLU A 196 27.09 -12.64 1.01
CA GLU A 196 26.26 -12.54 2.20
C GLU A 196 26.85 -11.65 3.28
N VAL A 197 25.98 -10.91 3.96
CA VAL A 197 26.40 -10.04 5.04
C VAL A 197 25.19 -9.84 5.92
N SER A 198 25.40 -9.81 7.23
CA SER A 198 24.29 -9.61 8.15
C SER A 198 24.75 -8.85 9.38
N TYR A 199 23.79 -8.33 10.12
CA TYR A 199 24.10 -7.57 11.31
C TYR A 199 22.92 -7.55 12.26
N GLU A 200 23.21 -7.60 13.55
CA GLU A 200 22.15 -7.58 14.55
C GLU A 200 21.82 -6.14 14.89
N VAL A 201 20.56 -5.77 14.72
CA VAL A 201 20.13 -4.41 15.02
C VAL A 201 18.69 -4.32 15.51
N ASP A 202 18.50 -3.59 16.61
CA ASP A 202 17.17 -3.40 17.17
C ASP A 202 16.57 -2.18 16.49
N VAL A 203 15.73 -2.41 15.49
CA VAL A 203 15.12 -1.32 14.74
C VAL A 203 14.36 -0.31 15.61
N ARG A 204 13.82 -0.77 16.74
CA ARG A 204 13.06 0.11 17.62
C ARG A 204 13.86 1.31 18.13
N SER A 205 15.18 1.15 18.28
CA SER A 205 16.01 2.24 18.79
C SER A 205 16.58 3.14 17.69
N VAL A 206 16.39 2.76 16.44
CA VAL A 206 16.91 3.53 15.33
C VAL A 206 15.84 4.25 14.52
N LEU A 207 14.69 3.59 14.35
CA LEU A 207 13.60 4.17 13.56
C LEU A 207 12.29 4.33 14.29
N PRO A 208 11.45 5.27 13.84
CA PRO A 208 10.14 5.51 14.44
C PRO A 208 9.25 4.31 14.11
N GLU A 209 8.05 4.25 14.69
CA GLU A 209 7.13 3.13 14.45
C GLU A 209 6.65 2.99 13.00
N TRP A 210 6.45 4.13 12.33
CA TRP A 210 6.01 4.10 10.94
C TRP A 210 7.13 4.63 10.06
N VAL A 211 7.41 3.90 8.98
CA VAL A 211 8.49 4.30 8.08
C VAL A 211 8.11 4.16 6.61
N ARG A 212 9.04 4.53 5.75
CA ARG A 212 8.88 4.36 4.32
C ARG A 212 10.13 3.66 3.83
N VAL A 213 9.97 2.85 2.79
CA VAL A 213 11.09 2.10 2.23
C VAL A 213 11.25 2.51 0.78
N GLY A 214 12.49 2.43 0.30
CA GLY A 214 12.75 2.81 -1.08
C GLY A 214 14.19 2.57 -1.45
N PHE A 215 14.62 3.21 -2.54
CA PHE A 215 15.99 3.07 -3.03
C PHE A 215 16.56 4.44 -3.32
N SER A 216 17.89 4.54 -3.22
CA SER A 216 18.59 5.77 -3.51
C SER A 216 19.85 5.41 -4.30
N ALA A 217 20.27 6.31 -5.17
CA ALA A 217 21.47 6.09 -5.96
C ALA A 217 22.03 7.45 -6.36
N ALA A 218 23.33 7.50 -6.65
CA ALA A 218 23.97 8.75 -7.03
C ALA A 218 25.27 8.53 -7.78
N SER A 219 25.65 9.53 -8.58
CA SER A 219 26.89 9.52 -9.34
C SER A 219 27.49 10.90 -9.18
N GLY A 220 28.75 10.95 -8.76
CA GLY A 220 29.41 12.23 -8.60
C GLY A 220 30.20 12.50 -9.87
N GLU A 221 31.51 12.59 -9.75
CA GLU A 221 32.35 12.84 -10.92
C GLU A 221 32.42 11.59 -11.79
N GLN A 222 32.40 10.43 -11.16
CA GLN A 222 32.40 9.15 -11.89
C GLN A 222 30.94 8.77 -11.97
N TYR A 223 30.55 8.06 -13.04
CA TYR A 223 29.15 7.70 -13.24
C TYR A 223 28.85 6.30 -13.77
N GLN A 224 27.58 5.93 -13.65
CA GLN A 224 27.07 4.65 -14.10
C GLN A 224 25.57 4.70 -13.90
N THR A 225 24.84 3.95 -14.72
CA THR A 225 23.40 3.91 -14.56
C THR A 225 23.09 3.04 -13.34
N HIS A 226 21.99 3.33 -12.66
CA HIS A 226 21.57 2.53 -11.52
C HIS A 226 20.13 2.13 -11.87
N THR A 227 20.01 1.00 -12.55
CA THR A 227 18.72 0.51 -13.03
C THR A 227 18.01 -0.50 -12.13
N LEU A 228 16.95 -0.05 -11.45
CA LEU A 228 16.18 -0.92 -10.58
C LEU A 228 15.17 -1.63 -11.49
N GLU A 229 15.30 -2.96 -11.59
CA GLU A 229 14.47 -3.75 -12.49
C GLU A 229 13.20 -4.36 -11.91
N SER A 230 13.25 -4.81 -10.65
CA SER A 230 12.08 -5.40 -10.02
C SER A 230 12.19 -5.22 -8.51
N TRP A 231 11.07 -5.34 -7.81
CA TRP A 231 11.02 -5.15 -6.36
C TRP A 231 9.74 -5.69 -5.74
N SER A 232 9.88 -6.45 -4.67
CA SER A 232 8.74 -6.99 -3.94
C SER A 232 9.06 -6.80 -2.46
N PHE A 233 8.06 -6.43 -1.68
CA PHE A 233 8.26 -6.21 -0.26
C PHE A 233 7.10 -6.75 0.55
N THR A 234 7.39 -7.24 1.74
CA THR A 234 6.36 -7.76 2.60
C THR A 234 6.78 -7.61 4.05
N SER A 235 5.86 -7.12 4.89
CA SER A 235 6.16 -6.98 6.31
C SER A 235 4.94 -7.39 7.12
N THR A 236 5.20 -7.96 8.29
CA THR A 236 4.13 -8.44 9.17
C THR A 236 4.55 -8.21 10.62
N LEU A 237 3.69 -7.55 11.39
CA LEU A 237 3.99 -7.32 12.80
C LEU A 237 3.89 -8.64 13.56
N LEU A 238 4.89 -8.93 14.38
CA LEU A 238 4.90 -10.17 15.15
C LEU A 238 5.23 -9.97 16.62
N TYR A 239 4.76 -10.90 17.44
CA TYR A 239 5.02 -10.91 18.88
C TYR A 239 6.26 -11.78 19.07
N THR A 240 7.30 -11.24 19.68
CA THR A 240 8.52 -12.01 19.89
C THR A 240 8.54 -12.71 21.26
N ALA A 241 9.25 -13.82 21.35
N ASP B 2 1.92 -4.76 -9.54
CA ASP B 2 1.00 -5.76 -10.09
C ASP B 2 0.22 -6.44 -8.96
N SER B 3 0.82 -6.54 -7.78
CA SER B 3 0.15 -7.17 -6.65
C SER B 3 0.25 -6.29 -5.40
N LEU B 4 -0.85 -6.23 -4.66
CA LEU B 4 -0.91 -5.42 -3.46
C LEU B 4 -1.74 -6.14 -2.42
N SER B 5 -1.30 -6.09 -1.16
CA SER B 5 -2.03 -6.76 -0.10
C SER B 5 -1.82 -6.07 1.25
N PHE B 6 -2.85 -6.06 2.08
CA PHE B 6 -2.75 -5.45 3.40
C PHE B 6 -3.78 -6.06 4.32
N GLY B 7 -3.48 -6.05 5.62
CA GLY B 7 -4.40 -6.62 6.58
C GLY B 7 -4.56 -5.82 7.85
N PHE B 8 -5.81 -5.60 8.24
CA PHE B 8 -6.13 -4.88 9.47
C PHE B 8 -6.89 -5.82 10.40
N PRO B 9 -6.17 -6.58 11.25
CA PRO B 9 -6.89 -7.47 12.17
C PRO B 9 -7.82 -6.63 13.06
N THR B 10 -7.37 -5.42 13.39
CA THR B 10 -8.11 -4.45 14.20
C THR B 10 -7.70 -3.09 13.66
N PHE B 11 -8.28 -2.03 14.20
CA PHE B 11 -7.98 -0.67 13.77
C PHE B 11 -7.53 0.26 14.90
N PRO B 12 -6.25 0.19 15.30
CA PRO B 12 -5.74 1.05 16.37
C PRO B 12 -5.84 2.51 15.93
N SER B 13 -5.92 3.42 16.89
CA SER B 13 -6.05 4.85 16.58
C SER B 13 -4.95 5.46 15.74
N ASP B 14 -3.76 4.89 15.80
CA ASP B 14 -2.61 5.44 15.06
C ASP B 14 -2.54 4.98 13.59
N GLN B 15 -3.39 5.55 12.75
CA GLN B 15 -3.45 5.20 11.33
C GLN B 15 -2.70 6.16 10.41
N LYS B 16 -2.08 5.63 9.36
CA LYS B 16 -1.33 6.45 8.41
C LYS B 16 -1.77 6.25 6.96
N ASN B 17 -2.26 5.05 6.64
CA ASN B 17 -2.67 4.74 5.28
C ASN B 17 -4.17 4.71 4.99
N LEU B 18 -4.96 5.40 5.81
CA LEU B 18 -6.40 5.44 5.58
C LEU B 18 -6.87 6.86 5.33
N ILE B 19 -7.67 7.04 4.29
CA ILE B 19 -8.23 8.34 3.99
C ILE B 19 -9.61 8.36 4.65
N PHE B 20 -9.79 9.31 5.57
CA PHE B 20 -11.06 9.44 6.28
C PHE B 20 -11.89 10.54 5.63
N GLN B 21 -13.14 10.23 5.33
CA GLN B 21 -14.04 11.20 4.72
C GLN B 21 -15.31 11.26 5.54
N GLY B 22 -15.89 12.45 5.64
CA GLY B 22 -17.12 12.60 6.40
C GLY B 22 -16.90 12.44 7.89
N ASP B 23 -17.82 11.75 8.55
CA ASP B 23 -17.75 11.55 9.99
C ASP B 23 -16.98 10.32 10.45
N ALA B 24 -16.43 9.56 9.51
CA ALA B 24 -15.69 8.35 9.86
C ALA B 24 -14.52 8.66 10.78
N GLN B 25 -14.28 7.76 11.74
CA GLN B 25 -13.14 7.91 12.64
C GLN B 25 -12.93 6.61 13.41
N ILE B 26 -11.74 6.48 13.98
CA ILE B 26 -11.38 5.30 14.74
C ILE B 26 -11.82 5.46 16.20
N LYS B 27 -12.38 4.42 16.77
CA LYS B 27 -12.82 4.44 18.16
C LYS B 27 -12.88 3.00 18.67
N ASN B 28 -12.18 2.74 19.78
CA ASN B 28 -12.13 1.42 20.38
C ASN B 28 -11.59 0.34 19.44
N ASN B 29 -10.51 0.66 18.74
CA ASN B 29 -9.87 -0.28 17.81
C ASN B 29 -10.76 -0.74 16.65
N ALA B 30 -11.75 0.07 16.32
CA ALA B 30 -12.65 -0.24 15.22
C ALA B 30 -12.99 1.07 14.49
N VAL B 31 -13.41 0.97 13.24
CA VAL B 31 -13.77 2.16 12.48
C VAL B 31 -15.26 2.45 12.60
N GLN B 32 -15.61 3.59 13.19
CA GLN B 32 -17.02 3.97 13.29
C GLN B 32 -17.22 4.82 12.04
N LEU B 33 -17.91 4.27 11.05
CA LEU B 33 -18.14 5.02 9.81
C LEU B 33 -19.09 6.18 10.02
N THR B 34 -20.12 5.97 10.83
CA THR B 34 -21.10 7.02 11.11
C THR B 34 -20.90 7.61 12.52
N LYS B 35 -21.24 8.89 12.65
CA LYS B 35 -21.08 9.61 13.91
C LYS B 35 -21.85 9.04 15.11
N THR B 36 -21.23 9.11 16.29
CA THR B 36 -21.82 8.65 17.54
C THR B 36 -21.58 9.69 18.62
N ASP B 37 -22.53 9.85 19.55
CA ASP B 37 -22.35 10.82 20.63
C ASP B 37 -21.29 10.38 21.62
N SER B 38 -21.21 11.09 22.74
CA SER B 38 -20.23 10.78 23.78
C SER B 38 -20.40 9.38 24.36
N ASN B 39 -21.64 8.92 24.43
CA ASN B 39 -21.94 7.59 24.97
C ASN B 39 -21.80 6.47 23.95
N GLY B 40 -21.42 6.82 22.73
CA GLY B 40 -21.26 5.81 21.69
C GLY B 40 -22.58 5.44 21.02
N ASN B 41 -23.58 6.29 21.22
CA ASN B 41 -24.89 6.07 20.62
C ASN B 41 -24.98 6.74 19.25
N PRO B 42 -25.62 6.07 18.29
CA PRO B 42 -25.79 6.59 16.92
C PRO B 42 -26.73 7.78 16.85
N VAL B 43 -26.42 8.70 15.93
CA VAL B 43 -27.25 9.89 15.73
C VAL B 43 -27.64 9.95 14.25
N ALA B 44 -28.66 10.75 13.95
CA ALA B 44 -29.16 10.89 12.59
C ALA B 44 -28.29 11.80 11.72
N SER B 45 -28.59 11.81 10.41
CA SER B 45 -27.89 12.65 9.46
C SER B 45 -26.38 12.59 9.53
N THR B 46 -25.81 11.43 9.20
CA THR B 46 -24.37 11.26 9.23
C THR B 46 -23.92 10.35 8.10
N VAL B 47 -22.76 10.68 7.53
CA VAL B 47 -22.18 9.92 6.43
C VAL B 47 -20.68 9.85 6.66
N GLY B 48 -20.09 8.69 6.36
CA GLY B 48 -18.66 8.55 6.55
C GLY B 48 -18.09 7.46 5.66
N ARG B 49 -16.84 7.63 5.23
CA ARG B 49 -16.20 6.64 4.38
C ARG B 49 -14.71 6.59 4.71
N ILE B 50 -14.08 5.47 4.38
CA ILE B 50 -12.64 5.32 4.54
C ILE B 50 -12.16 4.69 3.24
N LEU B 51 -10.92 4.98 2.87
CA LEU B 51 -10.32 4.45 1.66
C LEU B 51 -8.86 4.13 1.97
N PHE B 52 -8.33 3.05 1.40
CA PHE B 52 -6.93 2.74 1.66
C PHE B 52 -6.19 3.72 0.76
N SER B 53 -5.14 4.34 1.29
CA SER B 53 -4.38 5.34 0.52
C SER B 53 -3.77 4.86 -0.79
N ALA B 54 -3.07 3.73 -0.77
CA ALA B 54 -2.45 3.23 -1.99
C ALA B 54 -3.47 2.85 -3.06
N GLN B 55 -3.21 3.24 -4.30
CA GLN B 55 -4.13 2.91 -5.38
C GLN B 55 -3.95 1.47 -5.82
N VAL B 56 -5.04 0.85 -6.23
CA VAL B 56 -5.03 -0.55 -6.68
C VAL B 56 -5.06 -0.59 -8.20
N HIS B 57 -4.20 -1.41 -8.79
CA HIS B 57 -4.15 -1.54 -10.24
C HIS B 57 -5.15 -2.64 -10.57
N LEU B 58 -6.38 -2.24 -10.90
CA LEU B 58 -7.47 -3.18 -11.19
C LEU B 58 -7.32 -3.92 -12.53
N TRP B 59 -6.90 -3.20 -13.57
CA TRP B 59 -6.67 -3.82 -14.87
C TRP B 59 -5.66 -3.01 -15.67
N GLU B 60 -5.09 -3.62 -16.71
CA GLU B 60 -4.09 -2.96 -17.51
C GLU B 60 -4.32 -3.14 -19.01
N LYS B 61 -4.63 -2.04 -19.69
CA LYS B 61 -4.89 -2.07 -21.13
C LYS B 61 -3.74 -2.72 -21.91
N SER B 62 -2.56 -2.12 -21.82
CA SER B 62 -1.39 -2.61 -22.54
C SER B 62 -1.14 -4.12 -22.49
N SER B 63 -1.28 -4.74 -21.31
CA SER B 63 -1.03 -6.17 -21.21
C SER B 63 -2.28 -7.05 -21.18
N SER B 64 -3.46 -6.46 -21.36
CA SER B 64 -4.69 -7.24 -21.35
C SER B 64 -4.87 -8.05 -20.05
N ARG B 65 -4.41 -7.52 -18.93
CA ARG B 65 -4.54 -8.22 -17.67
C ARG B 65 -5.64 -7.59 -16.81
N VAL B 66 -6.24 -8.40 -15.94
CA VAL B 66 -7.29 -7.94 -15.05
C VAL B 66 -7.00 -8.57 -13.69
N ALA B 67 -7.13 -7.77 -12.65
CA ALA B 67 -6.84 -8.24 -11.31
C ALA B 67 -7.83 -9.22 -10.70
N ASN B 68 -7.26 -10.19 -9.99
CA ASN B 68 -8.02 -11.16 -9.23
C ASN B 68 -7.89 -10.54 -7.84
N PHE B 69 -9.00 -10.25 -7.17
CA PHE B 69 -8.89 -9.67 -5.84
C PHE B 69 -9.84 -10.30 -4.83
N GLN B 70 -9.52 -10.10 -3.56
CA GLN B 70 -10.34 -10.65 -2.48
C GLN B 70 -10.34 -9.67 -1.32
N SER B 71 -11.53 -9.45 -0.75
CA SER B 71 -11.67 -8.54 0.36
C SER B 71 -12.46 -9.27 1.44
N GLN B 72 -11.83 -9.47 2.60
CA GLN B 72 -12.47 -10.16 3.71
C GLN B 72 -12.64 -9.10 4.78
N PHE B 73 -13.82 -9.04 5.38
CA PHE B 73 -14.05 -8.05 6.42
C PHE B 73 -15.22 -8.43 7.33
N SER B 74 -15.31 -7.74 8.46
CA SER B 74 -16.39 -8.00 9.38
C SER B 74 -16.85 -6.68 9.96
N PHE B 75 -18.15 -6.57 10.20
CA PHE B 75 -18.73 -5.37 10.76
C PHE B 75 -19.91 -5.74 11.63
N SER B 76 -20.41 -4.77 12.37
CA SER B 76 -21.57 -4.99 13.23
C SER B 76 -22.38 -3.70 13.22
N LEU B 77 -23.69 -3.85 13.38
CA LEU B 77 -24.61 -2.72 13.39
C LEU B 77 -25.38 -2.73 14.71
N LYS B 78 -25.56 -1.56 15.31
CA LYS B 78 -26.26 -1.44 16.59
C LYS B 78 -27.23 -0.27 16.57
N SER B 79 -28.43 -0.46 17.11
CA SER B 79 -29.41 0.62 17.15
C SER B 79 -30.58 0.33 18.09
N PRO B 80 -30.94 1.29 18.95
CA PRO B 80 -32.05 1.09 19.87
C PRO B 80 -33.39 1.14 19.12
N LEU B 81 -33.36 1.62 17.88
CA LEU B 81 -34.57 1.73 17.05
C LEU B 81 -34.91 0.38 16.43
N SER B 82 -36.19 0.21 16.08
CA SER B 82 -36.64 -1.03 15.46
C SER B 82 -36.30 -1.01 13.96
N ASN B 83 -35.99 0.17 13.44
CA ASN B 83 -35.66 0.33 12.02
C ASN B 83 -34.34 1.08 11.79
N GLY B 84 -33.25 0.54 12.29
CA GLY B 84 -31.95 1.19 12.11
C GLY B 84 -31.61 1.34 10.64
N ALA B 85 -31.01 2.48 10.29
CA ALA B 85 -30.65 2.77 8.91
C ALA B 85 -29.29 3.47 8.86
N ASP B 86 -28.68 3.57 7.68
CA ASP B 86 -29.21 3.07 6.42
C ASP B 86 -28.49 1.85 5.86
N GLY B 87 -27.26 1.63 6.30
CA GLY B 87 -26.52 0.49 5.81
C GLY B 87 -25.05 0.81 5.57
N ILE B 88 -24.28 -0.23 5.29
CA ILE B 88 -22.84 -0.08 5.05
C ILE B 88 -22.49 -0.74 3.73
N ALA B 89 -21.47 -0.22 3.05
CA ALA B 89 -21.07 -0.79 1.78
C ALA B 89 -19.57 -0.81 1.54
N PHE B 90 -19.10 -1.89 0.92
CA PHE B 90 -17.70 -2.04 0.53
C PHE B 90 -17.75 -1.54 -0.91
N PHE B 91 -16.84 -0.65 -1.30
CA PHE B 91 -16.90 -0.17 -2.68
C PHE B 91 -15.56 0.02 -3.37
N ILE B 92 -15.63 0.11 -4.69
CA ILE B 92 -14.47 0.30 -5.54
C ILE B 92 -14.83 1.47 -6.44
N ALA B 93 -13.98 2.50 -6.46
CA ALA B 93 -14.26 3.68 -7.27
C ALA B 93 -12.97 4.38 -7.73
N PRO B 94 -13.09 5.42 -8.57
CA PRO B 94 -11.91 6.13 -9.05
C PRO B 94 -11.15 6.68 -7.84
N PRO B 95 -9.82 6.81 -7.97
CA PRO B 95 -8.95 7.31 -6.90
C PRO B 95 -9.37 8.63 -6.25
N ASP B 96 -9.91 9.54 -7.04
CA ASP B 96 -10.32 10.85 -6.55
C ASP B 96 -11.74 10.93 -6.00
N THR B 97 -12.35 9.78 -5.73
CA THR B 97 -13.72 9.77 -5.21
C THR B 97 -13.88 10.48 -3.87
N THR B 98 -14.96 11.27 -3.76
CA THR B 98 -15.31 11.99 -2.54
C THR B 98 -16.79 11.78 -2.28
N ILE B 99 -17.25 12.11 -1.07
CA ILE B 99 -18.67 11.95 -0.76
C ILE B 99 -19.47 12.94 -1.60
N PRO B 100 -20.39 12.43 -2.44
CA PRO B 100 -21.22 13.29 -3.29
C PRO B 100 -22.16 14.14 -2.43
N SER B 101 -22.51 15.32 -2.93
CA SER B 101 -23.43 16.21 -2.22
C SER B 101 -24.81 15.56 -2.14
N GLY B 102 -25.41 15.58 -0.96
CA GLY B 102 -26.73 15.00 -0.77
C GLY B 102 -26.78 13.49 -0.95
N SER B 103 -25.68 12.80 -0.63
CA SER B 103 -25.62 11.35 -0.78
C SER B 103 -25.95 10.60 0.52
N GLY B 104 -26.51 11.32 1.49
CA GLY B 104 -26.83 10.70 2.75
C GLY B 104 -28.02 9.76 2.70
N GLY B 105 -28.37 9.20 3.86
CA GLY B 105 -29.50 8.31 3.95
C GLY B 105 -29.41 7.08 3.06
N GLY B 106 -30.49 6.81 2.34
CA GLY B 106 -30.55 5.66 1.45
C GLY B 106 -29.56 5.64 0.30
N LEU B 107 -28.86 6.75 0.06
CA LEU B 107 -27.88 6.78 -1.02
C LEU B 107 -26.51 6.29 -0.54
N LEU B 108 -26.45 5.91 0.74
CA LEU B 108 -25.26 5.34 1.36
C LEU B 108 -23.94 6.08 1.22
N GLY B 109 -24.00 7.37 0.91
CA GLY B 109 -22.78 8.15 0.75
C GLY B 109 -22.07 7.79 -0.54
N LEU B 110 -22.74 7.06 -1.41
CA LEU B 110 -22.16 6.62 -2.68
C LEU B 110 -22.65 7.34 -3.94
N PHE B 111 -23.90 7.80 -3.93
CA PHE B 111 -24.44 8.47 -5.12
C PHE B 111 -25.08 9.81 -4.87
N ALA B 112 -25.09 10.64 -5.91
CA ALA B 112 -25.71 11.96 -5.86
C ALA B 112 -27.16 11.70 -6.25
N PRO B 113 -28.10 12.39 -5.61
CA PRO B 113 -29.53 12.24 -5.87
C PRO B 113 -29.94 12.30 -7.33
N GLY B 114 -29.44 13.30 -8.05
CA GLY B 114 -29.81 13.46 -9.45
C GLY B 114 -29.39 12.35 -10.41
N THR B 115 -28.34 11.61 -10.04
CA THR B 115 -27.85 10.55 -10.92
C THR B 115 -27.79 9.17 -10.28
N ALA B 116 -28.34 9.04 -9.07
CA ALA B 116 -28.32 7.79 -8.32
C ALA B 116 -28.68 6.54 -9.11
N GLN B 117 -29.62 6.65 -10.04
CA GLN B 117 -30.02 5.50 -10.85
C GLN B 117 -29.61 5.62 -12.31
N ASN B 118 -28.69 6.54 -12.60
CA ASN B 118 -28.22 6.74 -13.95
C ASN B 118 -26.87 6.02 -14.05
N THR B 119 -26.89 4.78 -14.54
CA THR B 119 -25.68 3.97 -14.64
C THR B 119 -24.63 4.58 -15.56
N SER B 120 -25.02 5.57 -16.35
CA SER B 120 -24.11 6.20 -17.28
C SER B 120 -23.34 7.37 -16.65
N ALA B 121 -23.77 7.82 -15.49
CA ALA B 121 -23.11 8.94 -14.83
C ALA B 121 -22.27 8.54 -13.62
N ASN B 122 -22.11 7.23 -13.41
CA ASN B 122 -21.34 6.76 -12.27
C ASN B 122 -20.30 5.71 -12.64
N GLN B 123 -19.30 5.58 -11.78
CA GLN B 123 -18.24 4.59 -11.93
C GLN B 123 -18.00 4.05 -10.54
N VAL B 124 -18.74 3.01 -10.18
CA VAL B 124 -18.60 2.43 -8.86
C VAL B 124 -19.19 1.04 -8.79
N ILE B 125 -18.51 0.16 -8.09
CA ILE B 125 -19.00 -1.19 -7.86
C ILE B 125 -19.00 -1.28 -6.34
N ALA B 126 -20.12 -1.71 -5.79
CA ALA B 126 -20.24 -1.82 -4.34
C ALA B 126 -21.12 -2.98 -3.91
N VAL B 127 -20.82 -3.49 -2.73
CA VAL B 127 -21.58 -4.57 -2.14
C VAL B 127 -22.23 -3.91 -0.92
N GLU B 128 -23.55 -3.74 -0.98
CA GLU B 128 -24.25 -3.10 0.11
C GLU B 128 -24.96 -4.04 1.05
N PHE B 129 -25.04 -3.64 2.31
CA PHE B 129 -25.74 -4.38 3.35
C PHE B 129 -26.73 -3.32 3.79
N ASP B 130 -27.89 -3.38 3.15
CA ASP B 130 -28.97 -2.41 3.29
C ASP B 130 -30.04 -2.82 4.31
N THR B 131 -30.20 -2.02 5.35
CA THR B 131 -31.17 -2.30 6.41
C THR B 131 -32.47 -1.49 6.35
N PHE B 132 -32.50 -0.42 5.55
CA PHE B 132 -33.69 0.42 5.47
C PHE B 132 -34.29 0.31 4.07
N TYR B 133 -35.55 -0.07 3.98
CA TYR B 133 -36.18 -0.26 2.68
C TYR B 133 -37.58 0.35 2.53
N ALA B 134 -37.93 1.33 3.35
CA ALA B 134 -39.24 1.96 3.26
C ALA B 134 -39.54 2.28 1.79
N GLN B 135 -40.59 1.67 1.26
CA GLN B 135 -40.97 1.84 -0.14
C GLN B 135 -41.37 3.25 -0.56
N ASP B 136 -41.43 4.18 0.38
CA ASP B 136 -41.80 5.55 0.05
C ASP B 136 -40.60 6.47 -0.11
N SER B 137 -39.48 6.10 0.52
CA SER B 137 -38.25 6.90 0.42
C SER B 137 -37.16 6.15 -0.35
N ASN B 138 -37.08 4.84 -0.15
CA ASN B 138 -36.10 4.02 -0.86
C ASN B 138 -36.89 3.21 -1.88
N THR B 139 -37.47 3.91 -2.84
CA THR B 139 -38.30 3.32 -3.88
C THR B 139 -37.63 2.26 -4.75
N TRP B 140 -36.30 2.30 -4.81
CA TRP B 140 -35.52 1.37 -5.62
C TRP B 140 -35.23 0.04 -4.94
N ASP B 141 -35.46 -0.05 -3.63
CA ASP B 141 -35.22 -1.30 -2.90
C ASP B 141 -36.33 -2.33 -2.86
N PRO B 142 -35.96 -3.60 -2.69
CA PRO B 142 -36.95 -4.67 -2.60
C PRO B 142 -37.53 -4.41 -1.21
N ASN B 143 -38.69 -4.97 -0.87
CA ASN B 143 -39.27 -4.68 0.43
C ASN B 143 -38.82 -5.58 1.58
N TYR B 144 -37.53 -5.49 1.91
CA TYR B 144 -36.92 -6.26 3.00
C TYR B 144 -35.42 -6.00 3.09
N PRO B 145 -34.81 -6.20 4.27
CA PRO B 145 -33.37 -5.98 4.41
C PRO B 145 -32.67 -6.87 3.40
N HIS B 146 -31.59 -6.40 2.81
CA HIS B 146 -30.92 -7.18 1.78
C HIS B 146 -29.43 -6.87 1.57
N ILE B 147 -28.77 -7.80 0.89
CA ILE B 147 -27.38 -7.65 0.51
C ILE B 147 -27.53 -7.39 -0.98
N GLY B 148 -26.87 -6.37 -1.49
CA GLY B 148 -27.00 -6.10 -2.91
C GLY B 148 -25.70 -5.77 -3.61
N ILE B 149 -25.64 -6.08 -4.90
CA ILE B 149 -24.46 -5.77 -5.69
C ILE B 149 -24.88 -4.58 -6.53
N ASP B 150 -24.16 -3.47 -6.35
CA ASP B 150 -24.44 -2.24 -7.05
C ASP B 150 -23.39 -1.97 -8.12
N VAL B 151 -23.86 -1.68 -9.34
CA VAL B 151 -22.97 -1.37 -10.45
C VAL B 151 -23.46 -0.07 -11.08
N ASN B 152 -22.83 1.03 -10.67
CA ASN B 152 -23.16 2.37 -11.17
C ASN B 152 -24.56 2.87 -10.84
N SER B 153 -25.26 2.18 -9.93
CA SER B 153 -26.60 2.59 -9.55
C SER B 153 -26.99 2.12 -8.14
N ILE B 154 -27.78 2.94 -7.44
CA ILE B 154 -28.22 2.58 -6.11
C ILE B 154 -29.25 1.45 -6.20
N ARG B 155 -29.82 1.27 -7.39
CA ARG B 155 -30.79 0.18 -7.59
C ARG B 155 -29.95 -1.05 -7.94
N SER B 156 -29.74 -1.91 -6.95
CA SER B 156 -28.94 -3.10 -7.10
C SER B 156 -29.25 -3.95 -8.34
N VAL B 157 -28.22 -4.42 -9.01
CA VAL B 157 -28.42 -5.26 -10.18
C VAL B 157 -28.81 -6.64 -9.65
N LYS B 158 -28.66 -6.82 -8.35
CA LYS B 158 -28.97 -8.10 -7.73
C LYS B 158 -29.04 -7.99 -6.20
N THR B 159 -30.06 -8.60 -5.59
CA THR B 159 -30.18 -8.60 -4.14
C THR B 159 -30.60 -9.98 -3.67
N VAL B 160 -30.37 -10.25 -2.39
CA VAL B 160 -30.79 -11.49 -1.76
C VAL B 160 -31.25 -11.09 -0.37
N LYS B 161 -32.31 -11.74 0.11
CA LYS B 161 -32.85 -11.42 1.42
C LYS B 161 -31.78 -11.64 2.49
N TRP B 162 -31.68 -10.69 3.42
CA TRP B 162 -30.69 -10.76 4.47
C TRP B 162 -31.31 -10.43 5.82
N ASP B 163 -30.79 -11.03 6.88
CA ASP B 163 -31.31 -10.80 8.23
C ASP B 163 -30.36 -9.87 9.00
N ARG B 164 -30.91 -8.74 9.46
CA ARG B 164 -30.12 -7.79 10.24
C ARG B 164 -30.12 -8.30 11.68
N ARG B 165 -28.94 -8.41 12.29
CA ARG B 165 -28.85 -8.88 13.66
C ARG B 165 -28.10 -7.87 14.49
N ASP B 166 -28.83 -7.18 15.35
CA ASP B 166 -28.26 -6.12 16.18
C ASP B 166 -27.09 -6.60 17.01
N GLY B 167 -25.98 -5.87 16.91
CA GLY B 167 -24.79 -6.21 17.69
C GLY B 167 -24.04 -7.48 17.36
N GLN B 168 -24.39 -8.14 16.26
CA GLN B 168 -23.69 -9.35 15.86
C GLN B 168 -22.79 -9.08 14.67
N SER B 169 -21.57 -9.61 14.71
CA SER B 169 -20.61 -9.41 13.65
C SER B 169 -20.92 -10.27 12.44
N LEU B 170 -20.88 -9.67 11.27
CA LEU B 170 -21.10 -10.41 10.03
C LEU B 170 -19.75 -10.50 9.35
N ASN B 171 -19.32 -11.70 8.99
CA ASN B 171 -18.05 -11.85 8.30
C ASN B 171 -18.35 -11.99 6.81
N VAL B 172 -17.64 -11.20 6.00
CA VAL B 172 -17.87 -11.17 4.57
C VAL B 172 -16.62 -11.41 3.75
N LEU B 173 -16.79 -12.18 2.68
CA LEU B 173 -15.71 -12.45 1.75
C LEU B 173 -16.19 -12.07 0.37
N VAL B 174 -15.53 -11.09 -0.23
CA VAL B 174 -15.88 -10.62 -1.58
C VAL B 174 -14.70 -10.96 -2.49
N THR B 175 -14.97 -11.72 -3.56
CA THR B 175 -13.91 -12.11 -4.49
C THR B 175 -14.32 -11.88 -5.93
N PHE B 176 -13.33 -11.60 -6.78
CA PHE B 176 -13.55 -11.40 -8.21
C PHE B 176 -12.54 -12.25 -8.98
N ASN B 177 -13.05 -13.07 -9.89
CA ASN B 177 -12.22 -13.94 -10.70
C ASN B 177 -12.26 -13.40 -12.12
N PRO B 178 -11.15 -12.85 -12.62
CA PRO B 178 -11.09 -12.29 -13.98
C PRO B 178 -11.39 -13.29 -15.10
N SER B 179 -11.15 -14.56 -14.85
CA SER B 179 -11.39 -15.60 -15.85
C SER B 179 -12.87 -15.77 -16.17
N THR B 180 -13.69 -15.79 -15.11
CA THR B 180 -15.12 -15.95 -15.25
C THR B 180 -15.84 -14.61 -15.13
N ARG B 181 -15.12 -13.62 -14.61
CA ARG B 181 -15.67 -12.28 -14.39
C ARG B 181 -16.78 -12.31 -13.34
N ASN B 182 -16.75 -13.34 -12.51
CA ASN B 182 -17.72 -13.49 -11.43
C ASN B 182 -17.31 -12.74 -10.17
N LEU B 183 -18.21 -11.89 -9.69
CA LEU B 183 -18.00 -11.15 -8.44
C LEU B 183 -18.83 -11.95 -7.43
N ASP B 184 -18.16 -12.63 -6.50
CA ASP B 184 -18.86 -13.43 -5.51
C ASP B 184 -18.87 -12.83 -4.11
N VAL B 185 -19.99 -12.98 -3.43
CA VAL B 185 -20.15 -12.49 -2.06
C VAL B 185 -20.65 -13.62 -1.16
N VAL B 186 -19.94 -13.83 -0.05
CA VAL B 186 -20.33 -14.84 0.93
C VAL B 186 -20.27 -14.17 2.29
N ALA B 187 -21.40 -14.13 2.97
CA ALA B 187 -21.46 -13.51 4.29
C ALA B 187 -21.99 -14.54 5.29
N THR B 188 -21.46 -14.49 6.50
CA THR B 188 -21.88 -15.44 7.54
C THR B 188 -21.92 -14.82 8.95
N TYR B 189 -22.85 -15.31 9.77
CA TYR B 189 -22.93 -14.90 11.17
C TYR B 189 -22.23 -16.02 11.94
N SER B 190 -21.87 -15.76 13.19
CA SER B 190 -21.15 -16.76 14.01
C SER B 190 -21.90 -18.07 14.26
N ASP B 191 -23.19 -18.11 13.97
CA ASP B 191 -23.96 -19.34 14.19
C ASP B 191 -24.04 -20.20 12.95
N GLY B 192 -23.32 -19.82 11.90
CA GLY B 192 -23.33 -20.60 10.67
C GLY B 192 -24.32 -20.13 9.61
N THR B 193 -25.15 -19.15 9.93
CA THR B 193 -26.12 -18.65 8.95
C THR B 193 -25.32 -18.05 7.80
N ARG B 194 -25.65 -18.45 6.58
CA ARG B 194 -24.89 -18.04 5.41
C ARG B 194 -25.72 -17.41 4.29
N TYR B 195 -25.16 -16.40 3.64
CA TYR B 195 -25.80 -15.72 2.53
C TYR B 195 -24.80 -15.70 1.39
N GLU B 196 -25.27 -15.90 0.16
CA GLU B 196 -24.41 -15.90 -1.01
C GLU B 196 -25.08 -15.22 -2.18
N VAL B 197 -24.31 -14.47 -2.95
CA VAL B 197 -24.83 -13.80 -4.12
C VAL B 197 -23.65 -13.61 -5.06
N SER B 198 -23.90 -13.87 -6.35
CA SER B 198 -22.86 -13.74 -7.37
C SER B 198 -23.38 -12.97 -8.58
N TYR B 199 -22.48 -12.26 -9.26
CA TYR B 199 -22.86 -11.50 -10.43
C TYR B 199 -21.69 -11.41 -11.41
N GLU B 200 -21.99 -11.55 -12.69
CA GLU B 200 -20.96 -11.49 -13.71
C GLU B 200 -20.83 -10.07 -14.23
N VAL B 201 -19.64 -9.50 -14.11
CA VAL B 201 -19.41 -8.14 -14.57
C VAL B 201 -17.98 -7.94 -15.07
N ASP B 202 -17.85 -7.27 -16.21
CA ASP B 202 -16.54 -6.99 -16.77
C ASP B 202 -16.15 -5.67 -16.10
N VAL B 203 -15.24 -5.73 -15.15
CA VAL B 203 -14.86 -4.53 -14.42
C VAL B 203 -14.20 -3.42 -15.24
N ARG B 204 -13.52 -3.77 -16.33
CA ARG B 204 -12.86 -2.73 -17.12
C ARG B 204 -13.79 -1.89 -17.99
N SER B 205 -15.07 -2.25 -18.05
CA SER B 205 -16.02 -1.47 -18.83
C SER B 205 -16.76 -0.57 -17.85
N VAL B 206 -16.44 -0.72 -16.57
CA VAL B 206 -17.08 0.05 -15.50
C VAL B 206 -16.13 0.97 -14.73
N LEU B 207 -14.91 0.50 -14.49
CA LEU B 207 -13.94 1.28 -13.72
C LEU B 207 -12.62 1.53 -14.44
N PRO B 208 -11.90 2.60 -14.03
CA PRO B 208 -10.61 2.95 -14.63
C PRO B 208 -9.58 1.89 -14.23
N GLU B 209 -8.40 1.94 -14.83
CA GLU B 209 -7.33 0.98 -14.54
C GLU B 209 -6.88 1.02 -13.08
N TRP B 210 -6.77 2.22 -12.53
CA TRP B 210 -6.35 2.37 -11.15
C TRP B 210 -7.53 2.86 -10.32
N VAL B 211 -7.75 2.23 -9.18
CA VAL B 211 -8.85 2.59 -8.30
C VAL B 211 -8.46 2.57 -6.84
N ARG B 212 -9.38 3.00 -6.00
CA ARG B 212 -9.20 2.96 -4.56
C ARG B 212 -10.36 2.14 -4.02
N VAL B 213 -10.11 1.44 -2.92
CA VAL B 213 -11.13 0.61 -2.30
C VAL B 213 -11.37 1.06 -0.87
N GLY B 214 -12.59 0.87 -0.40
CA GLY B 214 -12.90 1.27 0.95
C GLY B 214 -14.33 0.96 1.34
N PHE B 215 -14.80 1.60 2.40
CA PHE B 215 -16.15 1.39 2.89
C PHE B 215 -16.88 2.70 3.08
N SER B 216 -18.20 2.64 2.99
CA SER B 216 -19.04 3.80 3.15
C SER B 216 -20.29 3.41 3.91
N ALA B 217 -20.83 4.36 4.67
CA ALA B 217 -22.06 4.11 5.43
C ALA B 217 -22.75 5.44 5.68
N ALA B 218 -24.03 5.37 6.02
CA ALA B 218 -24.79 6.57 6.27
C ALA B 218 -26.06 6.28 7.07
N SER B 219 -26.59 7.33 7.67
CA SER B 219 -27.83 7.26 8.44
C SER B 219 -28.55 8.57 8.14
N GLY B 220 -29.83 8.47 7.82
CA GLY B 220 -30.62 9.66 7.55
C GLY B 220 -31.46 9.96 8.77
N GLU B 221 -32.79 9.86 8.62
CA GLU B 221 -33.74 10.11 9.71
C GLU B 221 -33.62 8.99 10.74
N GLN B 222 -33.45 7.76 10.27
CA GLN B 222 -33.27 6.61 11.16
C GLN B 222 -31.75 6.37 11.23
N TYR B 223 -31.30 5.77 12.32
CA TYR B 223 -29.86 5.57 12.50
C TYR B 223 -29.44 4.31 13.20
N GLN B 224 -28.14 4.05 13.13
CA GLN B 224 -27.51 2.87 13.72
C GLN B 224 -26.02 3.09 13.53
N THR B 225 -25.22 2.39 14.30
CA THR B 225 -23.78 2.48 14.17
C THR B 225 -23.38 1.53 13.05
N HIS B 226 -22.31 1.86 12.35
CA HIS B 226 -21.78 1.02 11.28
C HIS B 226 -20.32 0.88 11.66
N THR B 227 -20.02 -0.21 12.35
CA THR B 227 -18.69 -0.47 12.85
C THR B 227 -17.87 -1.48 12.06
N LEU B 228 -16.80 -1.01 11.43
CA LEU B 228 -15.92 -1.87 10.66
C LEU B 228 -14.91 -2.42 11.67
N GLU B 229 -14.94 -3.73 11.88
CA GLU B 229 -14.09 -4.40 12.85
C GLU B 229 -12.75 -4.93 12.35
N SER B 230 -12.72 -5.47 11.13
CA SER B 230 -11.47 -5.99 10.56
C SER B 230 -11.55 -5.95 9.04
N TRP B 231 -10.40 -5.99 8.39
CA TRP B 231 -10.37 -5.93 6.93
C TRP B 231 -9.02 -6.36 6.35
N SER B 232 -9.07 -7.26 5.37
CA SER B 232 -7.88 -7.72 4.68
C SER B 232 -8.22 -7.67 3.20
N PHE B 233 -7.24 -7.31 2.39
CA PHE B 233 -7.44 -7.19 0.95
C PHE B 233 -6.21 -7.65 0.20
N THR B 234 -6.42 -8.25 -0.96
CA THR B 234 -5.32 -8.71 -1.79
C THR B 234 -5.77 -8.69 -3.25
N SER B 235 -4.89 -8.26 -4.15
CA SER B 235 -5.21 -8.23 -5.56
C SER B 235 -3.93 -8.47 -6.35
N THR B 236 -4.06 -9.22 -7.43
CA THR B 236 -2.94 -9.53 -8.30
C THR B 236 -3.39 -9.54 -9.75
N LEU B 237 -2.59 -8.95 -10.63
CA LEU B 237 -2.93 -8.92 -12.05
C LEU B 237 -2.67 -10.27 -12.70
N LEU B 238 -3.67 -10.76 -13.46
CA LEU B 238 -3.56 -12.02 -14.17
C LEU B 238 -3.91 -11.85 -15.64
N TYR B 239 -3.29 -12.64 -16.51
CA TYR B 239 -3.58 -12.57 -17.93
C TYR B 239 -4.95 -13.19 -18.16
N THR B 240 -5.66 -12.74 -19.19
CA THR B 240 -6.99 -13.26 -19.51
C THR B 240 -7.17 -13.45 -21.02
N ALA B 241 -7.84 -14.53 -21.39
#